data_8U3A
#
_entry.id   8U3A
#
_cell.length_a   1.00
_cell.length_b   1.00
_cell.length_c   1.00
_cell.angle_alpha   90.00
_cell.angle_beta   90.00
_cell.angle_gamma   90.00
#
_symmetry.space_group_name_H-M   'P 1'
#
loop_
_entity.id
_entity.type
_entity.pdbx_description
1 polymer 'Transient receptor potential cation channel subfamily V member 1'
2 non-polymer '(2S)-2-[(9,10-dibromooctadecanoyl)oxy]-3-{[(S)-hydroxy{[(1S,2R,3R,4S,5S,6R)-2,3,4,5,6-pentahydroxycyclohexyl]oxy}phosphoryl]oxy}propyl (9R,10S)-9,10-dibromooctadecanoate'
3 non-polymer 1,2-DIOLEOYL-SN-GLYCERO-3-PHOSPHOCHOLINE
4 non-polymer 'SODIUM ION'
5 water water
#
_entity_poly.entity_id   1
_entity_poly.type   'polypeptide(L)'
_entity_poly.pdbx_seq_one_letter_code
;MGSRLYDRRSIFDAVAQSNCQELESLLPFLQRSKKRLTDSEFKDPETGKTCLLKAMLNLHNGQNDTIALLLDVARKTDSL
KQFVNASYTDSYYKGQTALHIAIERRNMTLVTLLVENGADVQAAANGDFFKKTKGRPGFYFGELPLSLAACTNQLAIVKF
LLQNSWQPADISARDSVGNTVLHALVEVADNTVDNTKFVTSMYNEILILGAKLHPTLKLEEITNRKGLTPLALAASSGKI
GVLAYILQREIHEPECRHLSRKFTEWAYGPVHSSLYDLSCIDTCEKNSVLEVIAYSSSETPNRHDMLLVEPLNRLLQDKW
DRFVKRIFYFNFFVYCLYMIIFTAAAYYRPVEGLPPYKLKNTVGDYFRVTGEILSVSGGVYFFFRGIQYFLQRRPSLKSL
FVDSYSEILFFVQSLFMLVSVVLYFSQRKEYVASMVFSLAMGWTNMLYYTRGFQQMGIYAVMIEKMILRDLCRFMFVYLV
FLFGFSTAVVTLIEDGKYNSLYSTCLELFKFTIGMGDLEFTENYDFKAVFIILLLAYVILTYILLLNMLIALMGETVNKI
AQESKNIWKLQRAITILDTEKSFLKCMRKAFRSGKLLQVGFTPDGKDDYRWCFRVDEVNWTTWNTNVGIINEDPG
;
_entity_poly.pdbx_strand_id   A,D
#
# COMPACT_ATOMS: atom_id res chain seq x y z
N SER A 279 20.51 25.73 -21.98
CA SER A 279 21.80 25.81 -21.31
C SER A 279 21.61 25.76 -19.81
N CYS A 280 22.33 24.86 -19.12
CA CYS A 280 22.25 24.73 -17.64
C CYS A 280 20.82 24.41 -17.17
N ILE A 281 19.95 23.89 -18.03
CA ILE A 281 18.57 23.44 -17.65
C ILE A 281 18.59 21.92 -17.77
N ASP A 282 18.88 21.40 -18.96
CA ASP A 282 18.95 19.95 -19.22
C ASP A 282 20.05 19.33 -18.37
N THR A 283 21.26 19.91 -18.39
CA THR A 283 22.43 19.37 -17.67
C THR A 283 23.51 20.45 -17.57
N CYS A 284 24.25 20.49 -16.48
CA CYS A 284 25.35 21.47 -16.24
C CYS A 284 26.38 20.84 -15.30
N ASN A 287 25.55 22.29 -11.67
CA ASN A 287 24.23 22.39 -11.04
C ASN A 287 23.24 22.72 -12.15
N SER A 288 22.50 21.71 -12.62
CA SER A 288 21.47 21.94 -13.62
C SER A 288 20.14 22.23 -12.94
N VAL A 289 19.29 22.99 -13.62
CA VAL A 289 18.04 23.43 -13.01
C VAL A 289 17.19 22.24 -12.62
N LEU A 290 17.06 21.26 -13.52
CA LEU A 290 16.21 20.10 -13.22
C LEU A 290 16.74 19.34 -12.01
N GLU A 291 18.05 19.09 -11.93
CA GLU A 291 18.67 18.39 -10.78
C GLU A 291 18.60 19.25 -9.52
N VAL A 292 18.52 20.58 -9.62
CA VAL A 292 18.35 21.43 -8.45
C VAL A 292 16.93 21.31 -7.91
N ILE A 293 15.93 21.37 -8.79
CA ILE A 293 14.54 21.32 -8.34
C ILE A 293 14.20 19.92 -7.83
N ALA A 294 14.61 18.88 -8.57
CA ALA A 294 14.21 17.53 -8.22
C ALA A 294 14.78 17.10 -6.87
N TYR A 295 16.06 17.41 -6.63
CA TYR A 295 16.75 17.00 -5.42
C TYR A 295 16.78 18.11 -4.36
N SER A 296 15.72 18.90 -4.29
CA SER A 296 15.64 19.97 -3.32
C SER A 296 15.56 19.39 -1.90
N SER A 297 15.65 20.28 -0.92
CA SER A 297 15.78 19.90 0.48
C SER A 297 14.43 19.71 1.20
N SER A 298 13.31 19.92 0.52
CA SER A 298 11.94 19.73 1.09
C SER A 298 11.61 20.88 2.02
N GLU A 299 12.42 21.94 2.03
CA GLU A 299 12.05 23.19 2.66
C GLU A 299 11.88 24.27 1.60
N THR A 300 12.18 23.97 0.35
CA THR A 300 12.04 24.96 -0.71
C THR A 300 10.58 25.39 -0.83
N PRO A 301 10.30 26.68 -0.91
CA PRO A 301 8.88 27.10 -0.91
C PRO A 301 8.04 26.49 -2.01
N ASN A 302 8.58 26.34 -3.22
CA ASN A 302 7.79 25.97 -4.40
C ASN A 302 8.45 24.83 -5.16
N ARG A 303 8.94 23.81 -4.44
CA ARG A 303 9.61 22.71 -5.11
C ARG A 303 8.66 21.98 -6.05
N HIS A 304 7.39 21.84 -5.66
CA HIS A 304 6.43 21.13 -6.49
C HIS A 304 5.93 21.99 -7.65
N ASP A 305 6.02 23.31 -7.53
CA ASP A 305 5.45 24.20 -8.54
C ASP A 305 6.45 24.64 -9.59
N MET A 306 7.75 24.65 -9.28
CA MET A 306 8.72 25.16 -10.23
C MET A 306 8.82 24.30 -11.48
N LEU A 307 8.32 23.06 -11.44
CA LEU A 307 8.33 22.22 -12.63
C LEU A 307 7.19 22.56 -13.59
N LEU A 308 6.23 23.38 -13.18
CA LEU A 308 5.16 23.82 -14.06
C LEU A 308 5.60 24.94 -15.00
N VAL A 309 6.79 25.49 -14.82
CA VAL A 309 7.28 26.55 -15.69
C VAL A 309 7.41 26.01 -17.10
N GLU A 310 7.12 26.87 -18.09
CA GLU A 310 6.82 26.46 -19.46
C GLU A 310 7.79 25.43 -20.01
N PRO A 311 9.07 25.74 -20.19
CA PRO A 311 9.97 24.77 -20.86
C PRO A 311 10.13 23.46 -20.12
N LEU A 312 10.11 23.48 -18.79
CA LEU A 312 10.53 22.30 -18.03
C LEU A 312 9.55 21.15 -18.15
N ASN A 313 8.24 21.44 -18.09
CA ASN A 313 7.25 20.38 -18.19
C ASN A 313 7.36 19.66 -19.54
N ARG A 314 7.47 20.46 -20.62
CA ARG A 314 7.56 19.91 -21.99
C ARG A 314 8.88 19.18 -22.18
N LEU A 315 9.96 19.61 -21.55
CA LEU A 315 11.24 18.90 -21.63
C LEU A 315 11.17 17.55 -20.91
N LEU A 316 10.56 17.53 -19.72
CA LEU A 316 10.43 16.28 -18.99
C LEU A 316 9.55 15.29 -19.73
N GLN A 317 8.44 15.78 -20.32
CA GLN A 317 7.59 14.90 -21.10
C GLN A 317 8.33 14.34 -22.32
N ASP A 318 9.16 15.17 -22.95
CA ASP A 318 9.95 14.71 -24.09
C ASP A 318 10.90 13.59 -23.67
N LYS A 319 11.63 13.79 -22.59
CA LYS A 319 12.58 12.79 -22.06
C LYS A 319 11.82 11.53 -21.71
N TRP A 320 10.65 11.65 -21.09
CA TRP A 320 9.81 10.49 -20.71
C TRP A 320 9.44 9.72 -21.96
N ASP A 321 8.69 10.31 -22.87
CA ASP A 321 8.18 9.63 -24.05
C ASP A 321 9.29 9.15 -24.97
N ARG A 322 10.50 9.70 -24.86
CA ARG A 322 11.56 9.26 -25.76
C ARG A 322 12.25 8.00 -25.24
N PHE A 323 12.64 7.97 -23.97
CA PHE A 323 13.43 6.83 -23.47
C PHE A 323 13.06 6.39 -22.04
N VAL A 324 12.46 7.23 -21.20
CA VAL A 324 12.24 6.86 -19.78
C VAL A 324 10.96 6.03 -19.64
N LYS A 325 9.97 6.12 -20.54
CA LYS A 325 8.80 5.27 -20.48
C LYS A 325 9.18 3.81 -20.68
N ARG A 326 9.97 3.52 -21.72
CA ARG A 326 10.40 2.15 -21.96
C ARG A 326 11.26 1.63 -20.83
N ILE A 327 12.23 2.44 -20.36
CA ILE A 327 13.10 1.95 -19.29
C ILE A 327 12.28 1.64 -18.03
N PHE A 328 11.35 2.53 -17.69
CA PHE A 328 10.53 2.35 -16.50
C PHE A 328 9.63 1.12 -16.63
N TYR A 329 9.05 0.91 -17.82
CA TYR A 329 8.24 -0.28 -18.01
C TYR A 329 9.05 -1.55 -17.86
N PHE A 330 10.28 -1.55 -18.37
CA PHE A 330 11.14 -2.72 -18.18
C PHE A 330 11.44 -2.94 -16.70
N ASN A 331 11.69 -1.87 -15.95
CA ASN A 331 11.92 -2.00 -14.53
C ASN A 331 10.70 -2.57 -13.81
N PHE A 332 9.51 -2.10 -14.19
CA PHE A 332 8.29 -2.61 -13.59
C PHE A 332 8.11 -4.10 -13.90
N PHE A 333 8.37 -4.50 -15.14
CA PHE A 333 8.25 -5.91 -15.49
C PHE A 333 9.23 -6.77 -14.69
N VAL A 334 10.47 -6.29 -14.53
CA VAL A 334 11.45 -7.05 -13.77
C VAL A 334 11.02 -7.17 -12.32
N TYR A 335 10.50 -6.09 -11.74
CA TYR A 335 10.05 -6.14 -10.35
C TYR A 335 8.87 -7.09 -10.20
N CYS A 336 7.94 -7.09 -11.16
CA CYS A 336 6.82 -8.01 -11.09
C CYS A 336 7.29 -9.46 -11.14
N LEU A 337 8.26 -9.75 -12.02
CA LEU A 337 8.82 -11.10 -12.07
C LEU A 337 9.48 -11.46 -10.74
N TYR A 338 10.24 -10.52 -10.17
CA TYR A 338 10.91 -10.78 -8.89
C TYR A 338 9.89 -11.09 -7.80
N MET A 339 8.80 -10.32 -7.73
CA MET A 339 7.80 -10.55 -6.71
C MET A 339 7.06 -11.87 -6.93
N ILE A 340 6.80 -12.22 -8.19
CA ILE A 340 6.14 -13.49 -8.47
C ILE A 340 7.03 -14.65 -8.03
N ILE A 341 8.32 -14.57 -8.34
CA ILE A 341 9.23 -15.65 -7.96
C ILE A 341 9.37 -15.73 -6.45
N PHE A 342 9.47 -14.57 -5.78
CA PHE A 342 9.56 -14.57 -4.32
C PHE A 342 8.31 -15.18 -3.69
N THR A 343 7.13 -14.79 -4.16
CA THR A 343 5.86 -15.36 -3.66
C THR A 343 5.85 -16.87 -3.88
N ALA A 344 6.25 -17.34 -5.07
CA ALA A 344 6.23 -18.78 -5.33
C ALA A 344 7.20 -19.51 -4.42
N ALA A 345 8.39 -18.96 -4.21
CA ALA A 345 9.37 -19.62 -3.36
C ALA A 345 8.92 -19.66 -1.91
N ALA A 346 8.33 -18.57 -1.42
CA ALA A 346 7.86 -18.55 -0.04
C ALA A 346 6.63 -19.42 0.16
N TYR A 347 5.77 -19.53 -0.86
CA TYR A 347 4.56 -20.33 -0.74
C TYR A 347 4.88 -21.79 -0.52
N TYR A 348 5.89 -22.31 -1.24
CA TYR A 348 6.25 -23.72 -1.19
C TYR A 348 7.40 -23.99 -0.23
N ARG A 349 7.56 -23.16 0.79
CA ARG A 349 8.61 -23.41 1.76
C ARG A 349 8.36 -24.74 2.46
N PRO A 350 9.38 -25.53 2.73
CA PRO A 350 9.17 -26.79 3.44
C PRO A 350 8.81 -26.56 4.90
N VAL A 351 8.05 -27.49 5.45
CA VAL A 351 7.68 -27.47 6.86
C VAL A 351 8.22 -28.76 7.46
N GLU A 352 9.45 -28.70 7.96
CA GLU A 352 10.11 -29.84 8.60
C GLU A 352 10.70 -29.49 9.95
N GLY A 353 11.25 -28.29 10.09
CA GLY A 353 11.77 -27.82 11.37
C GLY A 353 13.26 -27.56 11.33
N LEU A 354 13.67 -26.49 12.02
CA LEU A 354 15.08 -26.20 12.24
C LEU A 354 15.86 -26.17 10.93
N PRO A 355 15.69 -25.14 10.11
CA PRO A 355 16.48 -25.03 8.88
C PRO A 355 17.97 -25.04 9.19
N PRO A 356 18.82 -25.10 8.16
CA PRO A 356 18.50 -25.18 6.73
C PRO A 356 17.90 -26.52 6.33
N TYR A 357 17.19 -26.54 5.21
CA TYR A 357 16.52 -27.73 4.73
C TYR A 357 17.32 -28.36 3.60
N LYS A 358 17.64 -29.64 3.73
CA LYS A 358 18.45 -30.32 2.73
C LYS A 358 17.65 -30.49 1.44
N LEU A 359 18.29 -30.13 0.32
CA LEU A 359 17.63 -30.20 -1.01
C LEU A 359 17.51 -31.67 -1.40
N LYS A 360 16.36 -32.07 -1.94
CA LYS A 360 16.14 -33.46 -2.41
C LYS A 360 16.39 -33.47 -3.92
N ASN A 361 16.67 -34.65 -4.50
CA ASN A 361 16.89 -34.78 -5.96
C ASN A 361 15.51 -34.77 -6.62
N THR A 362 14.78 -33.67 -6.51
CA THR A 362 13.43 -33.50 -7.12
C THR A 362 13.47 -32.22 -7.95
N VAL A 363 12.88 -32.20 -9.15
CA VAL A 363 12.79 -30.99 -9.95
C VAL A 363 12.17 -29.85 -9.15
N GLY A 364 11.09 -30.14 -8.41
CA GLY A 364 10.43 -29.10 -7.64
C GLY A 364 11.36 -28.43 -6.66
N ASP A 365 12.22 -29.22 -6.01
CA ASP A 365 13.19 -28.71 -5.01
C ASP A 365 14.25 -27.85 -5.72
N TYR A 366 14.55 -28.13 -6.98
CA TYR A 366 15.54 -27.38 -7.78
C TYR A 366 14.91 -26.06 -8.22
N PHE A 367 13.60 -26.02 -8.51
CA PHE A 367 12.90 -24.77 -8.80
C PHE A 367 12.77 -23.91 -7.55
N ARG A 368 12.42 -24.54 -6.42
CA ARG A 368 12.26 -23.79 -5.17
C ARG A 368 13.57 -23.14 -4.75
N VAL A 369 14.68 -23.87 -4.85
CA VAL A 369 15.96 -23.33 -4.39
C VAL A 369 16.43 -22.22 -5.31
N THR A 370 16.24 -22.37 -6.63
CA THR A 370 16.63 -21.28 -7.52
C THR A 370 15.77 -20.04 -7.29
N GLY A 371 14.47 -20.24 -7.02
CA GLY A 371 13.63 -19.10 -6.67
C GLY A 371 14.09 -18.41 -5.40
N GLU A 372 14.46 -19.19 -4.39
CA GLU A 372 14.98 -18.60 -3.16
C GLU A 372 16.26 -17.82 -3.41
N ILE A 373 17.15 -18.38 -4.23
CA ILE A 373 18.40 -17.67 -4.54
C ILE A 373 18.12 -16.37 -5.24
N LEU A 374 17.18 -16.37 -6.19
CA LEU A 374 16.81 -15.13 -6.87
C LEU A 374 16.22 -14.13 -5.89
N SER A 375 15.39 -14.60 -4.94
CA SER A 375 14.81 -13.70 -3.95
C SER A 375 15.90 -13.03 -3.11
N VAL A 376 16.85 -13.82 -2.63
CA VAL A 376 17.93 -13.25 -1.81
C VAL A 376 18.79 -12.31 -2.64
N SER A 377 19.02 -12.65 -3.91
CA SER A 377 19.80 -11.75 -4.77
C SER A 377 19.09 -10.42 -4.95
N GLY A 378 17.77 -10.44 -5.15
CA GLY A 378 17.02 -9.21 -5.25
C GLY A 378 17.06 -8.41 -3.96
N GLY A 379 16.98 -9.09 -2.83
CA GLY A 379 17.09 -8.39 -1.55
C GLY A 379 18.44 -7.71 -1.39
N VAL A 380 19.52 -8.41 -1.74
CA VAL A 380 20.86 -7.81 -1.68
C VAL A 380 20.94 -6.62 -2.63
N TYR A 381 20.38 -6.76 -3.83
CA TYR A 381 20.37 -5.70 -4.86
C TYR A 381 19.68 -4.45 -4.32
N PHE A 382 18.54 -4.62 -3.65
CA PHE A 382 17.81 -3.47 -3.12
C PHE A 382 18.52 -2.86 -1.91
N PHE A 383 19.14 -3.71 -1.08
CA PHE A 383 19.92 -3.20 0.05
C PHE A 383 21.06 -2.31 -0.44
N PHE A 384 21.80 -2.78 -1.45
CA PHE A 384 22.92 -2.00 -1.97
C PHE A 384 22.43 -0.74 -2.66
N ARG A 385 21.27 -0.80 -3.32
CA ARG A 385 20.68 0.36 -4.03
C ARG A 385 20.25 1.39 -2.99
N GLY A 386 19.76 0.98 -1.82
CA GLY A 386 19.43 1.90 -0.76
C GLY A 386 20.66 2.54 -0.14
N ILE A 387 21.71 1.73 0.06
CA ILE A 387 22.96 2.28 0.59
C ILE A 387 23.52 3.32 -0.37
N GLN A 388 23.52 3.01 -1.67
CA GLN A 388 24.05 3.94 -2.66
C GLN A 388 23.24 5.24 -2.67
N TYR A 389 21.91 5.15 -2.55
CA TYR A 389 21.09 6.35 -2.50
C TYR A 389 21.43 7.18 -1.27
N PHE A 390 21.46 6.55 -0.09
CA PHE A 390 21.75 7.30 1.13
C PHE A 390 23.16 7.87 1.11
N LEU A 391 24.06 7.32 0.29
CA LEU A 391 25.41 7.85 0.20
C LEU A 391 25.48 9.03 -0.76
N GLN A 392 25.01 8.84 -1.99
CA GLN A 392 25.15 9.89 -3.00
C GLN A 392 24.23 11.07 -2.72
N ARG A 393 23.11 10.84 -2.05
CA ARG A 393 22.19 11.95 -1.78
C ARG A 393 22.47 12.60 -0.43
N ARG A 394 22.86 11.81 0.58
CA ARG A 394 23.16 12.33 1.93
C ARG A 394 21.93 13.07 2.47
N PRO A 395 20.78 12.39 2.73
CA PRO A 395 19.63 13.07 3.33
C PRO A 395 19.97 13.57 4.73
N SER A 396 19.30 14.66 5.11
CA SER A 396 19.64 15.41 6.32
C SER A 396 18.85 14.95 7.55
N LEU A 397 18.36 13.71 7.56
CA LEU A 397 17.74 13.10 8.73
C LEU A 397 16.36 13.67 9.02
N LYS A 398 15.95 14.70 8.29
CA LYS A 398 14.57 15.18 8.31
C LYS A 398 13.87 14.90 6.98
N SER A 399 14.45 15.35 5.87
CA SER A 399 13.96 14.90 4.58
C SER A 399 14.18 13.40 4.40
N LEU A 400 15.01 12.79 5.24
CA LEU A 400 15.17 11.34 5.23
C LEU A 400 13.84 10.66 5.55
N PHE A 401 13.20 11.10 6.63
CA PHE A 401 11.95 10.49 7.09
C PHE A 401 10.75 11.41 6.90
N VAL A 402 10.90 12.44 6.07
CA VAL A 402 9.77 13.27 5.65
C VAL A 402 9.59 13.30 4.14
N ASP A 403 10.62 12.96 3.40
CA ASP A 403 10.53 12.82 1.94
C ASP A 403 11.35 11.58 1.59
N SER A 404 11.20 11.04 0.38
CA SER A 404 11.90 9.81 -0.06
C SER A 404 11.36 8.60 0.73
N TYR A 405 10.04 8.44 0.81
CA TYR A 405 9.40 7.32 1.54
C TYR A 405 9.64 6.02 0.77
N SER A 406 9.67 6.09 -0.57
CA SER A 406 9.89 4.90 -1.44
C SER A 406 11.24 4.27 -1.12
N GLU A 407 12.32 5.06 -1.06
CA GLU A 407 13.66 4.54 -0.82
C GLU A 407 13.74 3.82 0.52
N ILE A 408 13.17 4.43 1.57
CA ILE A 408 13.19 3.80 2.88
C ILE A 408 12.39 2.50 2.87
N LEU A 409 11.25 2.49 2.19
CA LEU A 409 10.42 1.30 2.19
C LEU A 409 11.10 0.13 1.48
N PHE A 410 11.70 0.40 0.31
CA PHE A 410 12.43 -0.66 -0.38
C PHE A 410 13.64 -1.12 0.45
N PHE A 411 14.32 -0.18 1.09
CA PHE A 411 15.46 -0.56 1.92
C PHE A 411 15.03 -1.42 3.09
N VAL A 412 13.89 -1.11 3.71
CA VAL A 412 13.42 -1.89 4.84
C VAL A 412 12.98 -3.28 4.39
N GLN A 413 12.38 -3.37 3.20
CA GLN A 413 12.06 -4.70 2.66
C GLN A 413 13.33 -5.51 2.46
N SER A 414 14.37 -4.89 1.91
CA SER A 414 15.65 -5.59 1.75
C SER A 414 16.22 -6.01 3.10
N LEU A 415 16.09 -5.13 4.10
CA LEU A 415 16.58 -5.45 5.44
C LEU A 415 15.86 -6.66 6.00
N PHE A 416 14.54 -6.73 5.82
CA PHE A 416 13.79 -7.88 6.27
C PHE A 416 14.26 -9.15 5.56
N MET A 417 14.52 -9.06 4.25
CA MET A 417 15.00 -10.23 3.53
C MET A 417 16.36 -10.70 4.06
N LEU A 418 17.26 -9.76 4.32
CA LEU A 418 18.60 -10.14 4.79
C LEU A 418 18.54 -10.71 6.20
N VAL A 419 17.71 -10.12 7.06
CA VAL A 419 17.51 -10.67 8.40
C VAL A 419 16.93 -12.07 8.31
N SER A 420 16.02 -12.28 7.35
CA SER A 420 15.46 -13.61 7.13
C SER A 420 16.55 -14.60 6.75
N VAL A 421 17.45 -14.22 5.86
CA VAL A 421 18.54 -15.11 5.47
C VAL A 421 19.42 -15.43 6.68
N VAL A 422 19.76 -14.41 7.46
CA VAL A 422 20.63 -14.60 8.62
C VAL A 422 19.98 -15.57 9.61
N LEU A 423 18.69 -15.37 9.90
CA LEU A 423 17.99 -16.27 10.80
C LEU A 423 17.89 -17.67 10.22
N TYR A 424 17.68 -17.78 8.90
CA TYR A 424 17.57 -19.08 8.26
C TYR A 424 18.84 -19.89 8.43
N PHE A 425 20.00 -19.26 8.26
CA PHE A 425 21.25 -19.99 8.42
C PHE A 425 21.68 -20.11 9.87
N SER A 426 20.95 -19.51 10.81
CA SER A 426 21.20 -19.70 12.23
C SER A 426 20.32 -20.78 12.85
N GLN A 427 19.55 -21.51 12.04
CA GLN A 427 18.69 -22.60 12.52
C GLN A 427 17.54 -22.07 13.37
N ARG A 428 17.00 -20.92 12.99
CA ARG A 428 15.88 -20.31 13.68
C ARG A 428 14.66 -20.28 12.79
N LYS A 429 13.48 -20.63 13.33
CA LYS A 429 12.23 -20.70 12.52
C LYS A 429 11.60 -19.31 12.45
N GLU A 430 12.13 -18.34 13.20
CA GLU A 430 11.65 -16.94 13.17
C GLU A 430 12.04 -16.32 11.82
N TYR A 431 12.86 -17.00 11.02
CA TYR A 431 13.22 -16.55 9.65
C TYR A 431 11.92 -16.35 8.86
N VAL A 432 10.91 -17.18 9.11
CA VAL A 432 9.60 -17.13 8.38
C VAL A 432 8.89 -15.81 8.71
N ALA A 433 8.95 -15.34 9.95
CA ALA A 433 8.34 -14.06 10.39
C ALA A 433 8.96 -12.91 9.59
N SER A 434 10.29 -12.85 9.50
CA SER A 434 11.01 -11.80 8.74
C SER A 434 10.67 -11.93 7.26
N MET A 435 10.61 -13.14 6.73
CA MET A 435 10.31 -13.41 5.30
C MET A 435 8.91 -12.93 4.92
N VAL A 436 7.90 -13.15 5.76
CA VAL A 436 6.48 -12.78 5.43
C VAL A 436 6.31 -11.28 5.55
N PHE A 437 7.10 -10.58 6.39
CA PHE A 437 7.06 -9.11 6.49
C PHE A 437 7.74 -8.56 5.23
N SER A 438 8.76 -9.24 4.72
CA SER A 438 9.46 -8.85 3.46
C SER A 438 8.48 -9.06 2.30
N LEU A 439 7.65 -10.10 2.34
CA LEU A 439 6.74 -10.38 1.23
C LEU A 439 5.60 -9.37 1.19
N ALA A 440 4.96 -9.07 2.31
CA ALA A 440 3.86 -8.09 2.36
C ALA A 440 4.40 -6.71 2.06
N MET A 441 5.62 -6.37 2.47
CA MET A 441 6.20 -5.05 2.12
C MET A 441 6.48 -5.02 0.62
N GLY A 442 6.99 -6.11 0.03
CA GLY A 442 7.31 -6.12 -1.38
C GLY A 442 6.08 -6.03 -2.26
N TRP A 443 4.99 -6.65 -1.84
CA TRP A 443 3.76 -6.56 -2.62
C TRP A 443 3.10 -5.20 -2.47
N THR A 444 3.25 -4.55 -1.31
CA THR A 444 2.67 -3.20 -1.08
C THR A 444 3.54 -2.17 -1.80
N ASN A 445 4.83 -2.48 -2.04
CA ASN A 445 5.73 -1.57 -2.74
C ASN A 445 5.46 -1.51 -4.24
N MET A 446 4.64 -2.42 -4.77
CA MET A 446 4.27 -2.34 -6.18
C MET A 446 3.53 -1.05 -6.49
N LEU A 447 3.00 -0.37 -5.46
CA LEU A 447 2.32 0.94 -5.62
C LEU A 447 3.33 2.01 -6.04
N TYR A 448 4.63 1.74 -5.93
CA TYR A 448 5.62 2.72 -6.39
C TYR A 448 5.51 2.92 -7.90
N TYR A 449 5.25 1.86 -8.64
CA TYR A 449 5.23 1.93 -10.09
C TYR A 449 3.95 2.51 -10.66
N THR A 450 3.02 2.93 -9.79
CA THR A 450 1.85 3.65 -10.28
C THR A 450 2.25 4.98 -10.92
N ARG A 451 3.34 5.59 -10.44
CA ARG A 451 3.92 6.71 -11.17
C ARG A 451 4.42 6.22 -12.51
N GLY A 452 4.26 7.05 -13.53
CA GLY A 452 4.36 6.61 -14.91
C GLY A 452 3.02 6.44 -15.59
N PHE A 453 1.95 6.39 -14.80
CA PHE A 453 0.59 6.50 -15.31
C PHE A 453 -0.09 7.60 -14.50
N GLN A 454 -0.52 8.68 -15.16
CA GLN A 454 -1.08 9.87 -14.48
C GLN A 454 -2.20 9.53 -13.51
N GLN A 455 -3.28 8.90 -13.96
CA GLN A 455 -4.48 8.64 -13.11
C GLN A 455 -4.09 7.82 -11.88
N MET A 456 -3.35 6.72 -12.03
CA MET A 456 -2.96 5.83 -10.90
C MET A 456 -1.89 6.52 -10.06
N GLY A 457 -0.98 7.27 -10.68
CA GLY A 457 0.10 7.99 -9.97
C GLY A 457 -0.46 9.06 -9.06
N ILE A 458 -1.51 9.77 -9.50
CA ILE A 458 -2.16 10.83 -8.69
C ILE A 458 -2.99 10.17 -7.59
N TYR A 459 -3.65 9.05 -7.88
CA TYR A 459 -4.44 8.29 -6.88
C TYR A 459 -3.47 7.85 -5.78
N ALA A 460 -2.26 7.41 -6.12
CA ALA A 460 -1.25 6.95 -5.14
C ALA A 460 -0.71 8.14 -4.34
N VAL A 461 -0.58 9.31 -4.94
CA VAL A 461 -0.14 10.54 -4.21
C VAL A 461 -1.26 10.89 -3.23
N MET A 462 -2.52 10.74 -3.62
CA MET A 462 -3.69 11.04 -2.75
C MET A 462 -3.76 10.01 -1.62
N ILE A 463 -3.33 8.77 -1.83
CA ILE A 463 -3.29 7.71 -0.77
C ILE A 463 -2.23 8.11 0.25
N GLU A 464 -1.06 8.60 -0.19
CA GLU A 464 0.01 9.06 0.69
C GLU A 464 -0.45 10.22 1.57
N LYS A 465 -1.15 11.18 0.98
CA LYS A 465 -1.62 12.40 1.70
C LYS A 465 -2.72 12.03 2.69
N MET A 466 -3.56 11.04 2.39
CA MET A 466 -4.61 10.55 3.32
C MET A 466 -3.90 9.88 4.49
N ILE A 467 -2.88 9.05 4.26
CA ILE A 467 -2.17 8.29 5.28
C ILE A 467 -1.45 9.24 6.23
N LEU A 468 -0.83 10.28 5.69
CA LEU A 468 -0.02 11.15 6.53
C LEU A 468 -0.86 12.09 7.38
N ARG A 469 -2.00 12.55 6.86
CA ARG A 469 -2.82 13.60 7.53
C ARG A 469 -4.07 13.08 8.25
N ASP A 470 -4.95 12.31 7.61
CA ASP A 470 -6.25 11.95 8.17
C ASP A 470 -6.15 10.66 8.96
N LEU A 471 -5.50 9.65 8.38
CA LEU A 471 -5.31 8.40 9.09
C LEU A 471 -4.53 8.61 10.37
N CYS A 472 -3.53 9.49 10.34
CA CYS A 472 -2.73 9.73 11.53
C CYS A 472 -3.56 10.36 12.65
N ARG A 473 -4.27 11.45 12.33
CA ARG A 473 -5.11 12.09 13.35
C ARG A 473 -6.15 11.12 13.90
N PHE A 474 -6.87 10.46 13.00
CA PHE A 474 -7.90 9.52 13.42
C PHE A 474 -7.32 8.41 14.27
N MET A 475 -6.15 7.89 13.89
CA MET A 475 -5.58 6.77 14.62
C MET A 475 -5.16 7.19 16.02
N PHE A 476 -4.58 8.37 16.16
CA PHE A 476 -4.24 8.83 17.51
C PHE A 476 -5.48 8.90 18.38
N VAL A 477 -6.52 9.59 17.92
CA VAL A 477 -7.70 9.76 18.77
C VAL A 477 -8.36 8.40 19.03
N TYR A 478 -8.49 7.60 17.96
CA TYR A 478 -9.13 6.28 18.01
C TYR A 478 -8.40 5.38 19.00
N LEU A 479 -7.07 5.35 18.98
CA LEU A 479 -6.29 4.50 19.88
C LEU A 479 -6.43 4.96 21.32
N VAL A 480 -6.47 6.27 21.55
CA VAL A 480 -6.68 6.76 22.91
C VAL A 480 -8.03 6.26 23.44
N PHE A 481 -9.09 6.44 22.63
CA PHE A 481 -10.42 6.00 23.06
C PHE A 481 -10.46 4.50 23.29
N LEU A 482 -9.86 3.73 22.38
CA LEU A 482 -9.90 2.28 22.48
C LEU A 482 -9.19 1.80 23.73
N PHE A 483 -7.99 2.35 24.00
CA PHE A 483 -7.26 1.93 25.19
C PHE A 483 -8.02 2.30 26.46
N GLY A 484 -8.59 3.51 26.51
CA GLY A 484 -9.33 3.89 27.70
C GLY A 484 -10.51 2.97 27.96
N PHE A 485 -11.35 2.75 26.96
CA PHE A 485 -12.57 1.92 27.10
C PHE A 485 -12.19 0.46 27.31
N SER A 486 -11.08 -0.03 26.77
CA SER A 486 -10.66 -1.40 27.02
C SER A 486 -10.16 -1.58 28.44
N THR A 487 -9.41 -0.60 28.96
CA THR A 487 -8.98 -0.66 30.35
C THR A 487 -10.19 -0.67 31.28
N TYR A 498 -11.63 -13.28 29.04
CA TYR A 498 -11.41 -11.91 28.62
C TYR A 498 -10.85 -11.02 29.72
N ASN A 499 -10.20 -11.61 30.72
CA ASN A 499 -9.62 -10.84 31.81
C ASN A 499 -8.21 -10.34 31.51
N SER A 500 -7.86 -10.24 30.23
CA SER A 500 -6.58 -9.71 29.81
C SER A 500 -6.80 -8.48 28.95
N LEU A 501 -5.83 -7.56 28.99
CA LEU A 501 -5.94 -6.34 28.21
C LEU A 501 -5.98 -6.63 26.71
N TYR A 502 -5.17 -7.58 26.26
CA TYR A 502 -5.13 -7.90 24.83
C TYR A 502 -6.47 -8.41 24.33
N SER A 503 -7.08 -9.33 25.08
CA SER A 503 -8.34 -9.92 24.65
C SER A 503 -9.44 -8.86 24.55
N THR A 504 -9.54 -8.01 25.56
CA THR A 504 -10.58 -6.98 25.55
C THR A 504 -10.31 -5.94 24.47
N CYS A 505 -9.04 -5.59 24.25
CA CYS A 505 -8.72 -4.66 23.17
C CYS A 505 -9.12 -5.24 21.82
N LEU A 506 -8.86 -6.53 21.59
CA LEU A 506 -9.28 -7.16 20.34
C LEU A 506 -10.80 -7.19 20.22
N GLU A 507 -11.49 -7.51 21.32
CA GLU A 507 -12.95 -7.55 21.27
C GLU A 507 -13.53 -6.18 20.95
N LEU A 508 -12.96 -5.12 21.52
CA LEU A 508 -13.45 -3.77 21.24
C LEU A 508 -13.03 -3.27 19.87
N PHE A 509 -11.90 -3.76 19.34
CA PHE A 509 -11.52 -3.40 17.98
C PHE A 509 -12.40 -4.09 16.96
N LYS A 510 -12.92 -5.28 17.28
CA LYS A 510 -13.85 -5.94 16.37
C LYS A 510 -15.04 -5.04 16.04
N PHE A 511 -15.43 -4.16 16.96
CA PHE A 511 -16.54 -3.25 16.69
C PHE A 511 -16.22 -2.34 15.50
N THR A 512 -14.98 -1.89 15.35
CA THR A 512 -14.58 -0.97 14.26
C THR A 512 -14.79 -1.64 12.91
N ILE A 513 -14.64 -2.97 12.82
CA ILE A 513 -14.72 -3.68 11.54
C ILE A 513 -16.09 -4.34 11.36
N GLY A 514 -17.10 -3.89 12.09
CA GLY A 514 -18.44 -4.42 11.93
C GLY A 514 -18.62 -5.82 12.45
N MET A 515 -17.88 -6.23 13.47
CA MET A 515 -17.94 -7.61 14.01
C MET A 515 -18.12 -7.58 15.54
N GLY A 516 -18.60 -6.47 16.11
CA GLY A 516 -18.70 -6.37 17.56
C GLY A 516 -19.86 -7.17 18.13
N ASP A 517 -19.63 -7.77 19.29
CA ASP A 517 -20.58 -8.71 19.87
C ASP A 517 -21.60 -8.03 20.79
N LEU A 518 -21.15 -7.13 21.65
CA LEU A 518 -22.01 -6.42 22.65
C LEU A 518 -22.37 -7.41 23.77
N GLU A 519 -22.03 -8.68 23.64
CA GLU A 519 -22.27 -9.67 24.68
C GLU A 519 -21.14 -10.68 24.74
N PHE A 520 -19.92 -10.27 24.40
CA PHE A 520 -18.83 -11.22 24.25
C PHE A 520 -18.43 -11.88 25.57
N THR A 521 -18.87 -11.35 26.71
CA THR A 521 -18.54 -11.95 27.99
C THR A 521 -19.70 -11.74 28.94
N PHE A 530 -21.44 -2.54 32.18
CA PHE A 530 -20.84 -3.11 30.98
C PHE A 530 -21.56 -2.62 29.72
N ILE A 531 -22.89 -2.66 29.74
CA ILE A 531 -23.65 -2.24 28.57
C ILE A 531 -23.43 -0.76 28.29
N ILE A 532 -23.42 0.06 29.34
CA ILE A 532 -23.24 1.50 29.15
C ILE A 532 -21.85 1.79 28.59
N LEU A 533 -20.82 1.11 29.10
CA LEU A 533 -19.48 1.31 28.59
C LEU A 533 -19.39 0.92 27.11
N LEU A 534 -19.95 -0.23 26.76
CA LEU A 534 -19.90 -0.67 25.37
C LEU A 534 -20.66 0.29 24.46
N LEU A 535 -21.83 0.75 24.89
CA LEU A 535 -22.61 1.67 24.07
C LEU A 535 -21.90 3.02 23.93
N ALA A 536 -21.27 3.50 24.99
CA ALA A 536 -20.51 4.75 24.89
C ALA A 536 -19.36 4.59 23.91
N TYR A 537 -18.63 3.48 24.00
CA TYR A 537 -17.53 3.25 23.06
C TYR A 537 -18.04 3.18 21.63
N VAL A 538 -19.16 2.48 21.41
CA VAL A 538 -19.69 2.35 20.05
C VAL A 538 -20.10 3.71 19.52
N ILE A 539 -20.88 4.47 20.30
CA ILE A 539 -21.34 5.77 19.83
C ILE A 539 -20.17 6.69 19.55
N LEU A 540 -19.11 6.64 20.32
CA LEU A 540 -18.04 7.63 20.15
C LEU A 540 -17.09 7.20 19.05
N THR A 541 -16.86 5.91 18.81
CA THR A 541 -15.96 5.50 17.73
C THR A 541 -16.75 5.21 16.46
N TYR A 542 -17.59 4.18 16.48
CA TYR A 542 -18.18 3.67 15.26
C TYR A 542 -19.08 4.72 14.61
N ILE A 543 -19.98 5.33 15.39
CA ILE A 543 -21.00 6.19 14.81
C ILE A 543 -20.51 7.62 14.60
N LEU A 544 -19.50 8.06 15.35
CA LEU A 544 -19.02 9.44 15.26
C LEU A 544 -17.67 9.53 14.57
N LEU A 545 -16.65 8.84 15.07
CA LEU A 545 -15.28 9.12 14.69
C LEU A 545 -14.97 8.58 13.30
N LEU A 546 -15.48 7.38 12.99
CA LEU A 546 -15.28 6.72 11.67
C LEU A 546 -16.03 7.48 10.56
N ASN A 547 -17.22 8.02 10.81
CA ASN A 547 -17.94 8.84 9.84
C ASN A 547 -17.28 10.21 9.71
N MET A 548 -16.77 10.72 10.82
CA MET A 548 -16.03 12.01 10.78
C MET A 548 -14.77 11.78 9.95
N LEU A 549 -14.11 10.62 10.01
CA LEU A 549 -12.96 10.32 9.17
C LEU A 549 -13.35 10.35 7.70
N ILE A 550 -14.49 9.76 7.36
CA ILE A 550 -14.96 9.80 5.97
C ILE A 550 -15.17 11.24 5.53
N ALA A 551 -15.80 12.06 6.37
CA ALA A 551 -16.05 13.45 6.01
C ALA A 551 -14.75 14.23 5.80
N LEU A 552 -13.78 14.03 6.69
CA LEU A 552 -12.51 14.73 6.57
C LEU A 552 -11.73 14.26 5.35
N MET A 553 -11.86 12.97 5.02
CA MET A 553 -11.22 12.41 3.80
C MET A 553 -11.86 13.09 2.59
N GLY A 554 -13.18 13.30 2.59
CA GLY A 554 -13.82 14.01 1.49
C GLY A 554 -13.32 15.43 1.35
N GLU A 555 -13.17 16.13 2.48
CA GLU A 555 -12.62 17.48 2.44
C GLU A 555 -11.21 17.49 1.86
N THR A 556 -10.33 16.63 2.38
CA THR A 556 -8.91 16.58 1.91
C THR A 556 -8.90 16.41 0.38
N VAL A 557 -9.57 15.39 -0.14
CA VAL A 557 -9.61 15.09 -1.61
C VAL A 557 -9.97 16.36 -2.37
N ASN A 558 -10.91 17.15 -1.86
CA ASN A 558 -11.39 18.39 -2.53
C ASN A 558 -10.28 19.44 -2.62
N LYS A 559 -9.38 19.52 -1.64
CA LYS A 559 -8.35 20.58 -1.58
C LYS A 559 -6.97 20.13 -2.09
N ILE A 560 -6.73 18.83 -2.29
CA ILE A 560 -5.37 18.31 -2.66
C ILE A 560 -5.32 17.96 -4.13
N ALA A 561 -6.37 18.22 -4.92
CA ALA A 561 -6.43 17.82 -6.34
C ALA A 561 -5.22 18.37 -7.11
N GLN A 562 -4.96 19.68 -7.04
CA GLN A 562 -3.84 20.33 -7.78
C GLN A 562 -2.51 19.93 -7.15
N GLU A 563 -2.42 19.90 -5.82
CA GLU A 563 -1.17 19.56 -5.10
C GLU A 563 -0.79 18.11 -5.39
N SER A 564 -1.77 17.21 -5.61
CA SER A 564 -1.53 15.77 -5.84
C SER A 564 -0.94 15.59 -7.23
N LYS A 565 -1.38 16.41 -8.20
CA LYS A 565 -0.83 16.33 -9.55
C LYS A 565 0.59 16.88 -9.61
N ASN A 566 0.85 17.98 -8.90
CA ASN A 566 2.21 18.53 -8.87
C ASN A 566 3.18 17.55 -8.23
N ILE A 567 2.76 16.90 -7.14
CA ILE A 567 3.66 15.96 -6.47
C ILE A 567 3.93 14.76 -7.37
N TRP A 568 2.92 14.29 -8.10
CA TRP A 568 3.15 13.19 -9.04
C TRP A 568 4.12 13.60 -10.14
N LYS A 569 3.97 14.82 -10.65
CA LYS A 569 4.88 15.28 -11.69
C LYS A 569 6.31 15.37 -11.17
N LEU A 570 6.48 15.82 -9.92
CA LEU A 570 7.82 15.85 -9.34
C LEU A 570 8.37 14.44 -9.15
N GLN A 571 7.53 13.49 -8.76
CA GLN A 571 7.97 12.11 -8.63
C GLN A 571 8.46 11.56 -9.97
N ARG A 572 7.70 11.83 -11.04
CA ARG A 572 8.11 11.34 -12.35
C ARG A 572 9.37 12.05 -12.83
N ALA A 573 9.54 13.34 -12.49
CA ALA A 573 10.78 14.02 -12.82
C ALA A 573 11.97 13.39 -12.11
N ILE A 574 11.79 13.02 -10.84
CA ILE A 574 12.86 12.33 -10.11
C ILE A 574 13.17 11.00 -10.77
N THR A 575 12.15 10.27 -11.19
CA THR A 575 12.38 9.00 -11.88
C THR A 575 13.15 9.21 -13.17
N ILE A 576 12.78 10.23 -13.94
CA ILE A 576 13.43 10.56 -15.26
C ILE A 576 14.88 10.95 -15.03
N LEU A 577 15.20 11.70 -13.95
CA LEU A 577 16.58 12.06 -13.66
C LEU A 577 17.39 10.85 -13.19
N ASP A 578 16.79 10.00 -12.35
CA ASP A 578 17.50 8.80 -11.92
C ASP A 578 17.81 7.90 -13.10
N THR A 579 16.86 7.73 -14.01
CA THR A 579 17.11 6.91 -15.19
C THR A 579 18.22 7.50 -16.05
N GLU A 580 18.22 8.82 -16.23
CA GLU A 580 19.26 9.45 -17.03
C GLU A 580 20.63 9.24 -16.40
N LYS A 581 20.74 9.47 -15.10
CA LYS A 581 22.03 9.31 -14.44
C LYS A 581 22.51 7.86 -14.46
N SER A 582 21.59 6.92 -14.26
CA SER A 582 21.88 5.48 -14.29
C SER A 582 21.07 4.88 -15.42
N GLN B 454 -35.36 10.94 -17.45
CA GLN B 454 -34.22 11.86 -17.16
C GLN B 454 -33.49 11.53 -15.87
N GLN B 455 -34.18 11.32 -14.77
CA GLN B 455 -33.52 11.09 -13.49
C GLN B 455 -32.81 9.74 -13.46
N MET B 456 -33.52 8.67 -13.83
CA MET B 456 -32.90 7.36 -13.85
C MET B 456 -31.79 7.28 -14.88
N GLY B 457 -31.99 7.98 -16.00
CA GLY B 457 -31.00 8.02 -17.08
C GLY B 457 -29.71 8.61 -16.58
N ILE B 458 -29.75 9.77 -15.91
CA ILE B 458 -28.58 10.43 -15.36
C ILE B 458 -27.95 9.58 -14.26
N TYR B 459 -28.79 8.92 -13.45
CA TYR B 459 -28.27 8.05 -12.41
C TYR B 459 -27.46 6.90 -13.01
N ALA B 460 -27.96 6.30 -14.09
CA ALA B 460 -27.24 5.22 -14.75
C ALA B 460 -25.94 5.72 -15.37
N VAL B 461 -25.96 6.91 -15.95
CA VAL B 461 -24.72 7.48 -16.50
C VAL B 461 -23.69 7.67 -15.40
N MET B 462 -24.13 8.17 -14.24
CA MET B 462 -23.21 8.32 -13.12
C MET B 462 -22.66 6.98 -12.67
N ILE B 463 -23.50 5.95 -12.63
CA ILE B 463 -23.03 4.61 -12.29
C ILE B 463 -21.94 4.18 -13.26
N GLU B 464 -22.16 4.40 -14.55
CA GLU B 464 -21.19 4.04 -15.61
C GLU B 464 -19.88 4.77 -15.34
N LYS B 465 -19.92 6.08 -15.08
CA LYS B 465 -18.70 6.85 -14.90
C LYS B 465 -17.93 6.38 -13.67
N MET B 466 -18.65 6.10 -12.58
CA MET B 466 -18.05 5.64 -11.31
C MET B 466 -17.41 4.26 -11.52
N ILE B 467 -18.06 3.36 -12.24
CA ILE B 467 -17.51 2.02 -12.55
C ILE B 467 -16.22 2.20 -13.35
N LEU B 468 -16.19 3.11 -14.33
CA LEU B 468 -15.03 3.20 -15.21
C LEU B 468 -13.85 3.89 -14.53
N ARG B 469 -14.08 4.84 -13.63
CA ARG B 469 -12.96 5.56 -13.02
C ARG B 469 -12.63 5.09 -11.61
N ASP B 470 -13.57 5.25 -10.68
CA ASP B 470 -13.25 5.11 -9.27
C ASP B 470 -13.17 3.64 -8.88
N LEU B 471 -14.15 2.85 -9.32
CA LEU B 471 -14.11 1.43 -9.03
C LEU B 471 -12.87 0.79 -9.64
N CYS B 472 -12.48 1.22 -10.83
CA CYS B 472 -11.31 0.64 -11.47
C CYS B 472 -10.03 0.94 -10.69
N ARG B 473 -9.74 2.22 -10.45
CA ARG B 473 -8.52 2.64 -9.72
C ARG B 473 -8.53 1.93 -8.37
N PHE B 474 -9.63 1.97 -7.64
CA PHE B 474 -9.77 1.35 -6.30
C PHE B 474 -9.55 -0.16 -6.38
N MET B 475 -10.12 -0.88 -7.35
CA MET B 475 -10.00 -2.32 -7.47
C MET B 475 -8.57 -2.72 -7.77
N PHE B 476 -7.88 -1.98 -8.62
CA PHE B 476 -6.48 -2.29 -8.86
C PHE B 476 -5.67 -2.25 -7.57
N VAL B 477 -5.72 -1.12 -6.86
CA VAL B 477 -4.91 -0.94 -5.61
C VAL B 477 -5.37 -1.97 -4.56
N TYR B 478 -6.68 -2.19 -4.44
CA TYR B 478 -7.24 -3.12 -3.44
C TYR B 478 -6.81 -4.54 -3.74
N LEU B 479 -6.84 -4.98 -5.00
CA LEU B 479 -6.44 -6.33 -5.37
C LEU B 479 -4.95 -6.54 -5.14
N VAL B 480 -4.13 -5.54 -5.43
CA VAL B 480 -2.70 -5.67 -5.14
C VAL B 480 -2.49 -5.89 -3.65
N PHE B 481 -3.11 -5.05 -2.82
CA PHE B 481 -2.95 -5.19 -1.37
C PHE B 481 -3.46 -6.54 -0.88
N LEU B 482 -4.62 -6.97 -1.37
CA LEU B 482 -5.21 -8.21 -0.92
C LEU B 482 -4.32 -9.39 -1.28
N PHE B 483 -3.82 -9.43 -2.52
CA PHE B 483 -2.97 -10.54 -2.90
C PHE B 483 -1.69 -10.56 -2.10
N GLY B 484 -1.07 -9.39 -1.89
CA GLY B 484 0.15 -9.36 -1.10
C GLY B 484 -0.05 -9.87 0.31
N PHE B 485 -1.04 -9.33 1.02
CA PHE B 485 -1.31 -9.71 2.43
C PHE B 485 -1.79 -11.17 2.48
N SER B 486 -2.53 -11.69 1.50
CA SER B 486 -2.95 -13.08 1.51
C SER B 486 -1.78 -14.02 1.31
N THR B 487 -0.83 -13.64 0.44
CA THR B 487 0.39 -14.46 0.18
C THR B 487 1.24 -14.46 1.44
N ALA B 488 1.31 -13.35 2.18
CA ALA B 488 2.04 -13.33 3.45
C ALA B 488 1.36 -14.22 4.48
N VAL B 489 0.06 -14.06 4.68
CA VAL B 489 -0.68 -14.83 5.72
C VAL B 489 -0.59 -16.32 5.38
N VAL B 490 -0.84 -16.73 4.14
CA VAL B 490 -0.83 -18.16 3.81
C VAL B 490 0.56 -18.74 3.94
N THR B 491 1.60 -17.94 3.65
CA THR B 491 2.96 -18.41 3.89
C THR B 491 3.21 -18.62 5.38
N LEU B 492 2.70 -17.74 6.24
CA LEU B 492 2.89 -17.87 7.71
C LEU B 492 2.16 -19.13 8.19
N ILE B 493 1.04 -19.51 7.56
CA ILE B 493 0.24 -20.62 8.06
C ILE B 493 0.99 -21.93 7.82
N GLU B 494 1.07 -22.77 8.85
CA GLU B 494 1.79 -24.03 8.74
C GLU B 494 1.03 -25.04 7.90
N ASP B 495 -0.24 -25.27 8.22
CA ASP B 495 -1.05 -26.25 7.51
C ASP B 495 -2.49 -26.09 7.97
N GLY B 496 -3.36 -26.98 7.49
CA GLY B 496 -4.73 -27.03 7.90
C GLY B 496 -5.69 -26.55 6.81
N LYS B 497 -6.87 -26.12 7.26
CA LYS B 497 -7.94 -25.76 6.33
C LYS B 497 -7.57 -24.55 5.48
N TYR B 498 -6.77 -23.63 6.01
CA TYR B 498 -6.50 -22.35 5.36
C TYR B 498 -5.10 -22.28 4.76
N ASN B 499 -4.49 -23.43 4.46
CA ASN B 499 -3.16 -23.45 3.87
C ASN B 499 -3.19 -23.34 2.35
N SER B 500 -4.26 -22.80 1.79
CA SER B 500 -4.37 -22.56 0.36
C SER B 500 -4.55 -21.08 0.09
N LEU B 501 -4.09 -20.64 -1.07
CA LEU B 501 -4.19 -19.23 -1.42
C LEU B 501 -5.64 -18.79 -1.53
N TYR B 502 -6.49 -19.65 -2.11
CA TYR B 502 -7.90 -19.29 -2.29
C TYR B 502 -8.59 -19.08 -0.95
N SER B 503 -8.37 -19.99 0.00
CA SER B 503 -9.05 -19.89 1.29
C SER B 503 -8.63 -18.62 2.03
N THR B 504 -7.34 -18.32 2.04
CA THR B 504 -6.87 -17.13 2.74
C THR B 504 -7.33 -15.86 2.04
N CYS B 505 -7.36 -15.87 0.70
CA CYS B 505 -7.87 -14.71 -0.03
C CYS B 505 -9.34 -14.47 0.30
N LEU B 506 -10.14 -15.53 0.38
CA LEU B 506 -11.54 -15.36 0.76
C LEU B 506 -11.68 -14.86 2.18
N GLU B 507 -10.86 -15.39 3.10
CA GLU B 507 -10.93 -14.95 4.48
C GLU B 507 -10.58 -13.48 4.61
N LEU B 508 -9.57 -13.02 3.86
CA LEU B 508 -9.18 -11.62 3.92
C LEU B 508 -10.16 -10.72 3.18
N PHE B 509 -10.84 -11.24 2.16
CA PHE B 509 -11.87 -10.45 1.49
C PHE B 509 -13.10 -10.29 2.35
N LYS B 510 -13.38 -11.27 3.21
CA LYS B 510 -14.50 -11.13 4.15
C LYS B 510 -14.38 -9.86 4.97
N PHE B 511 -13.15 -9.41 5.24
CA PHE B 511 -12.97 -8.18 5.99
C PHE B 511 -13.60 -6.99 5.27
N THR B 512 -13.49 -6.93 3.95
CA THR B 512 -14.02 -5.80 3.15
C THR B 512 -15.54 -5.70 3.32
N ILE B 513 -16.24 -6.82 3.52
CA ILE B 513 -17.70 -6.82 3.60
C ILE B 513 -18.18 -6.86 5.05
N GLY B 514 -17.33 -6.49 6.00
CA GLY B 514 -17.74 -6.43 7.38
C GLY B 514 -17.95 -7.79 8.02
N MET B 515 -17.21 -8.81 7.59
CA MET B 515 -17.36 -10.16 8.11
C MET B 515 -16.01 -10.79 8.43
N GLY B 516 -15.02 -9.97 8.76
CA GLY B 516 -13.69 -10.49 9.04
C GLY B 516 -13.58 -11.05 10.46
N ASP B 517 -12.83 -12.14 10.58
CA ASP B 517 -12.77 -12.88 11.83
C ASP B 517 -11.65 -12.42 12.75
N LEU B 518 -10.46 -12.16 12.21
CA LEU B 518 -9.24 -11.75 12.98
C LEU B 518 -8.71 -12.97 13.75
N GLU B 519 -9.45 -14.09 13.77
CA GLU B 519 -8.99 -15.30 14.44
C GLU B 519 -9.41 -16.53 13.66
N PHE B 520 -9.50 -16.43 12.33
CA PHE B 520 -10.07 -17.50 11.53
C PHE B 520 -9.22 -18.76 11.55
N THR B 521 -7.98 -18.69 11.99
CA THR B 521 -7.13 -19.86 12.04
C THR B 521 -6.19 -19.75 13.24
N GLU B 522 -5.60 -20.89 13.61
CA GLU B 522 -4.60 -20.94 14.66
C GLU B 522 -3.42 -21.82 14.29
N ASN B 523 -3.36 -22.34 13.07
CA ASN B 523 -2.30 -23.25 12.64
C ASN B 523 -1.12 -22.40 12.15
N TYR B 524 -0.41 -21.81 13.10
CA TYR B 524 0.76 -21.00 12.78
C TYR B 524 1.65 -20.93 14.01
N ASP B 525 2.86 -20.43 13.80
CA ASP B 525 3.73 -19.95 14.86
C ASP B 525 3.74 -18.43 14.83
N PHE B 526 4.28 -17.82 15.88
CA PHE B 526 4.41 -16.34 15.91
C PHE B 526 3.04 -15.70 15.76
N LYS B 527 2.16 -15.90 16.74
CA LYS B 527 0.86 -15.23 16.73
C LYS B 527 0.96 -13.73 16.56
N ALA B 528 2.02 -13.12 17.09
CA ALA B 528 2.19 -11.68 16.92
C ALA B 528 2.29 -11.31 15.45
N VAL B 529 3.00 -12.13 14.67
CA VAL B 529 3.20 -11.89 13.21
C VAL B 529 1.83 -11.94 12.53
N PHE B 530 0.99 -12.93 12.86
CA PHE B 530 -0.34 -13.06 12.27
C PHE B 530 -1.22 -11.86 12.61
N ILE B 531 -1.23 -11.49 13.89
CA ILE B 531 -2.07 -10.36 14.31
C ILE B 531 -1.62 -9.07 13.65
N ILE B 532 -0.30 -8.85 13.58
CA ILE B 532 0.20 -7.63 12.98
C ILE B 532 -0.14 -7.57 11.50
N LEU B 533 -0.01 -8.69 10.80
CA LEU B 533 -0.36 -8.72 9.38
C LEU B 533 -1.83 -8.42 9.18
N LEU B 534 -2.69 -9.05 9.97
CA LEU B 534 -4.13 -8.81 9.82
C LEU B 534 -4.49 -7.37 10.14
N LEU B 535 -3.89 -6.80 11.19
CA LEU B 535 -4.19 -5.42 11.54
C LEU B 535 -3.68 -4.45 10.49
N ALA B 536 -2.51 -4.72 9.92
CA ALA B 536 -2.01 -3.87 8.84
C ALA B 536 -2.93 -3.93 7.64
N TYR B 537 -3.37 -5.13 7.27
CA TYR B 537 -4.30 -5.26 6.14
C TYR B 537 -5.60 -4.51 6.42
N VAL B 538 -6.13 -4.65 7.63
CA VAL B 538 -7.39 -3.98 7.97
C VAL B 538 -7.23 -2.48 7.90
N ILE B 539 -6.19 -1.94 8.55
CA ILE B 539 -5.99 -0.50 8.56
C ILE B 539 -5.79 0.03 7.16
N LEU B 540 -5.07 -0.70 6.29
CA LEU B 540 -4.73 -0.21 4.93
C LEU B 540 -5.97 -0.29 4.02
N THR B 541 -6.79 -1.34 4.12
CA THR B 541 -7.93 -1.48 3.21
C THR B 541 -9.19 -0.91 3.84
N TYR B 542 -9.67 -1.52 4.92
CA TYR B 542 -10.99 -1.21 5.44
C TYR B 542 -11.08 0.24 5.90
N ILE B 543 -10.11 0.68 6.70
CA ILE B 543 -10.22 1.98 7.35
C ILE B 543 -9.72 3.11 6.45
N LEU B 544 -8.84 2.84 5.49
CA LEU B 544 -8.27 3.88 4.64
C LEU B 544 -8.84 3.84 3.23
N LEU B 545 -8.57 2.74 2.50
CA LEU B 545 -8.88 2.65 1.05
C LEU B 545 -10.37 2.70 0.72
N LEU B 546 -11.22 2.06 1.52
CA LEU B 546 -12.70 2.02 1.30
C LEU B 546 -13.32 3.38 1.62
N ASN B 547 -12.85 4.10 2.63
CA ASN B 547 -13.33 5.44 2.94
C ASN B 547 -12.80 6.44 1.92
N MET B 548 -11.58 6.23 1.45
CA MET B 548 -11.02 7.08 0.40
C MET B 548 -11.87 6.88 -0.86
N LEU B 549 -12.31 5.66 -1.15
CA LEU B 549 -13.19 5.41 -2.29
C LEU B 549 -14.48 6.21 -2.16
N ILE B 550 -15.06 6.23 -0.96
CA ILE B 550 -16.27 7.04 -0.74
C ILE B 550 -15.98 8.51 -1.01
N ALA B 551 -14.86 9.01 -0.50
CA ALA B 551 -14.47 10.43 -0.64
C ALA B 551 -14.21 10.78 -2.11
N LEU B 552 -13.63 9.86 -2.88
CA LEU B 552 -13.33 10.07 -4.32
C LEU B 552 -14.64 9.97 -5.12
N MET B 553 -15.58 9.14 -4.67
CA MET B 553 -16.89 9.00 -5.33
C MET B 553 -17.67 10.29 -5.11
N GLY B 554 -17.59 10.91 -3.91
CA GLY B 554 -18.23 12.19 -3.67
C GLY B 554 -17.68 13.29 -4.57
N GLU B 555 -16.35 13.33 -4.73
CA GLU B 555 -15.76 14.31 -5.62
C GLU B 555 -16.24 14.12 -7.06
N THR B 556 -16.27 12.87 -7.53
CA THR B 556 -16.74 12.59 -8.87
C THR B 556 -18.18 13.07 -9.06
N VAL B 557 -19.05 12.74 -8.10
CA VAL B 557 -20.43 13.23 -8.16
C VAL B 557 -20.43 14.74 -8.28
N ASN B 558 -19.60 15.42 -7.47
CA ASN B 558 -19.56 16.87 -7.52
C ASN B 558 -19.22 17.37 -8.91
N LYS B 559 -18.34 16.67 -9.63
CA LYS B 559 -17.76 17.22 -10.85
C LYS B 559 -18.38 16.70 -12.16
N ILE B 560 -19.35 15.77 -12.14
CA ILE B 560 -19.86 15.15 -13.39
C ILE B 560 -21.37 15.35 -13.56
N ALA B 561 -21.96 16.43 -13.09
CA ALA B 561 -23.40 16.64 -13.30
C ALA B 561 -23.69 16.95 -14.77
N GLN B 562 -23.11 18.03 -15.28
CA GLN B 562 -23.36 18.44 -16.66
C GLN B 562 -22.91 17.34 -17.63
N GLU B 563 -21.75 16.74 -17.37
CA GLU B 563 -21.27 15.67 -18.23
C GLU B 563 -22.26 14.52 -18.29
N SER B 564 -22.84 14.16 -17.13
CA SER B 564 -23.76 13.01 -17.03
C SER B 564 -25.10 13.34 -17.70
N LYS B 565 -25.55 14.58 -17.65
CA LYS B 565 -26.78 14.96 -18.34
C LYS B 565 -26.57 15.00 -19.86
N ASN B 566 -25.42 15.52 -20.30
CA ASN B 566 -25.13 15.54 -21.73
C ASN B 566 -25.00 14.13 -22.29
N ILE B 567 -24.36 13.23 -21.54
CA ILE B 567 -24.21 11.85 -22.02
C ILE B 567 -25.57 11.17 -22.10
N TRP B 568 -26.44 11.42 -21.12
CA TRP B 568 -27.78 10.84 -21.18
C TRP B 568 -28.55 11.36 -22.39
N LYS B 569 -28.43 12.66 -22.66
CA LYS B 569 -29.12 13.23 -23.82
C LYS B 569 -28.60 12.61 -25.11
N LEU B 570 -27.29 12.40 -25.20
CA LEU B 570 -26.75 11.73 -26.39
C LEU B 570 -27.26 10.30 -26.51
N GLN B 571 -27.35 9.59 -25.37
CA GLN B 571 -27.89 8.23 -25.40
C GLN B 571 -29.33 8.22 -25.91
N ARG B 572 -30.15 9.15 -25.44
CA ARG B 572 -31.53 9.21 -25.89
C ARG B 572 -31.62 9.61 -27.36
N ALA B 573 -30.72 10.48 -27.82
CA ALA B 573 -30.67 10.81 -29.25
C ALA B 573 -30.33 9.59 -30.08
N ILE B 574 -29.38 8.77 -29.62
CA ILE B 574 -29.06 7.54 -30.32
C ILE B 574 -30.27 6.62 -30.37
#